data_8IKM
#
_entry.id   8IKM
#
_cell.length_a   83.804
_cell.length_b   83.804
_cell.length_c   105.033
_cell.angle_alpha   90.000
_cell.angle_beta   90.000
_cell.angle_gamma   120.000
#
_symmetry.space_group_name_H-M   'P 32 2 1'
#
loop_
_entity.id
_entity.type
_entity.pdbx_description
1 polymer 'E3 ubiquitin-protein ligase parkin'
2 polymer Ubiquitin
3 polymer 'E3 ubiquitin-protein ligase parkin'
4 non-polymer 'ZINC ION'
5 non-polymer GLYCEROL
6 non-polymer DI(HYDROXYETHYL)ETHER
7 water water
#
loop_
_entity_poly.entity_id
_entity_poly.type
_entity_poly.pdbx_seq_one_letter_code
_entity_poly.pdbx_strand_id
1 'polypeptide(L)'
;SIYNSFYVYCKGPCQRVQPGKLRVQCSTCRQATLTLTQGPSCWDDVLIPNRMSGECQSPHCPGTSAEFFFKCGAHPTSDK
ETSVALHLIATNSRNITCITCTDVRSPVLVFQCNSRHVICLDCFHLYCVTRLNDRQFVHDPQLGYSLPCVAGCPNSLIKE
LHHFRILGEEQYNRYQQYGAEECVLQMGGVLCPRPGCGAGLLPEPDCRKVTCEGGNGLGCGFAFCRECKEAYHEGECSAV
FENLYFQ
;
A
2 'polypeptide(L)' MQIFVKTLTGKTITLEVEPSDTIENVKAKIQDKEGIPPDQQRLIFAGKQLEDGRTLSDYNIQKE(SEP)TLHLVLRLRG B
3 'polypeptide(L)'
;MIVFVRFNSSHGFPVEVDSDTSIFQLKEVVAKRQGVPADQLRVIFAGKELRNDWTVQNCDLDQQ(SEP)IVHIVQRPWRK
GQEMNATGGDDPRNAAGGCEREPQSLTRVDLSSSVLPGDSVGLAVILHTDSRKDSPPAGSPAGRLEVLFQ
;
C
#
loop_
_chem_comp.id
_chem_comp.type
_chem_comp.name
_chem_comp.formula
GOL non-polymer GLYCEROL 'C3 H8 O3'
PEG non-polymer DI(HYDROXYETHYL)ETHER 'C4 H10 O3'
ZN non-polymer 'ZINC ION' 'Zn 2'
#
# COMPACT_ATOMS: atom_id res chain seq x y z
N SER A 5 -9.48 4.68 -17.10
CA SER A 5 -8.83 3.50 -16.46
C SER A 5 -8.11 3.92 -15.18
N PHE A 6 -8.01 2.97 -14.23
CA PHE A 6 -7.25 3.17 -13.01
C PHE A 6 -5.85 2.58 -13.20
N TYR A 7 -4.88 3.05 -12.41
CA TYR A 7 -3.51 2.56 -12.52
C TYR A 7 -3.00 2.12 -11.15
N VAL A 8 -2.19 1.05 -11.14
CA VAL A 8 -1.65 0.49 -9.91
C VAL A 8 -0.15 0.30 -10.08
N TYR A 9 0.57 0.09 -8.97
CA TYR A 9 1.95 -0.40 -9.09
C TYR A 9 1.95 -1.90 -8.86
N CYS A 10 2.23 -2.65 -9.92
CA CYS A 10 2.35 -4.10 -9.84
C CYS A 10 3.80 -4.44 -9.47
N LYS A 11 3.97 -5.09 -8.32
CA LYS A 11 5.29 -5.34 -7.75
C LYS A 11 5.90 -6.58 -8.38
N GLY A 12 5.06 -7.40 -9.02
CA GLY A 12 5.50 -8.60 -9.70
C GLY A 12 4.34 -9.31 -10.40
N PRO A 13 4.50 -9.78 -11.66
CA PRO A 13 5.79 -9.77 -12.35
C PRO A 13 6.16 -8.53 -13.17
N CYS A 14 5.29 -7.52 -13.18
CA CYS A 14 5.44 -6.37 -14.07
C CYS A 14 6.51 -5.41 -13.57
N GLN A 15 6.58 -5.20 -12.25
CA GLN A 15 7.50 -4.27 -11.62
C GLN A 15 7.36 -2.88 -12.25
N ARG A 16 6.12 -2.44 -12.47
CA ARG A 16 5.88 -1.16 -13.11
C ARG A 16 4.44 -0.71 -12.86
N VAL A 17 4.16 0.55 -13.25
CA VAL A 17 2.81 1.10 -13.24
C VAL A 17 2.02 0.42 -14.36
N GLN A 18 0.86 -0.15 -14.01
CA GLN A 18 0.04 -0.87 -14.98
C GLN A 18 -1.43 -0.46 -14.79
N PRO A 19 -2.28 -0.59 -15.83
CA PRO A 19 -3.73 -0.48 -15.65
C PRO A 19 -4.21 -1.51 -14.64
N GLY A 20 -5.15 -1.09 -13.78
CA GLY A 20 -5.64 -1.94 -12.69
C GLY A 20 -7.13 -2.28 -12.82
N LYS A 21 -7.58 -3.18 -11.93
CA LYS A 21 -8.97 -3.61 -11.83
C LYS A 21 -9.45 -3.34 -10.42
N LEU A 22 -10.66 -2.79 -10.31
CA LEU A 22 -11.28 -2.54 -9.01
C LEU A 22 -12.17 -3.72 -8.65
N ARG A 23 -12.00 -4.25 -7.44
CA ARG A 23 -12.79 -5.36 -6.92
C ARG A 23 -13.19 -5.06 -5.47
N VAL A 24 -14.04 -5.92 -4.90
CA VAL A 24 -14.63 -5.67 -3.59
C VAL A 24 -14.85 -7.00 -2.87
N GLN A 25 -14.54 -7.02 -1.56
CA GLN A 25 -14.78 -8.16 -0.69
C GLN A 25 -15.54 -7.71 0.54
N CYS A 26 -16.10 -8.67 1.29
CA CYS A 26 -16.73 -8.41 2.57
C CYS A 26 -15.64 -8.14 3.61
N SER A 27 -15.86 -7.11 4.43
CA SER A 27 -14.82 -6.61 5.34
C SER A 27 -14.62 -7.56 6.52
N THR A 28 -15.54 -8.51 6.70
CA THR A 28 -15.55 -9.35 7.89
C THR A 28 -14.95 -10.73 7.58
N CYS A 29 -15.36 -11.33 6.46
CA CYS A 29 -14.92 -12.69 6.13
C CYS A 29 -13.85 -12.68 5.04
N ARG A 30 -13.59 -11.50 4.47
CA ARG A 30 -12.56 -11.30 3.45
C ARG A 30 -12.81 -12.23 2.26
N GLN A 31 -14.05 -12.21 1.75
CA GLN A 31 -14.42 -13.02 0.60
C GLN A 31 -15.23 -12.15 -0.37
N ALA A 32 -15.00 -12.36 -1.67
CA ALA A 32 -15.66 -11.58 -2.70
C ALA A 32 -17.08 -12.09 -2.92
N THR A 33 -17.85 -12.12 -1.82
CA THR A 33 -19.21 -12.65 -1.82
C THR A 33 -20.21 -11.51 -1.58
N LEU A 34 -19.69 -10.32 -1.24
CA LEU A 34 -20.52 -9.18 -0.93
C LEU A 34 -21.03 -8.54 -2.22
N THR A 35 -22.35 -8.32 -2.28
CA THR A 35 -22.99 -7.59 -3.35
C THR A 35 -23.27 -6.17 -2.88
N LEU A 36 -22.78 -5.18 -3.65
CA LEU A 36 -22.89 -3.78 -3.31
C LEU A 36 -24.33 -3.32 -3.49
N THR A 37 -24.81 -2.50 -2.55
CA THR A 37 -26.13 -1.89 -2.60
C THR A 37 -26.16 -0.84 -3.71
N GLN A 38 -25.07 -0.07 -3.83
CA GLN A 38 -24.89 0.92 -4.87
C GLN A 38 -23.42 0.94 -5.29
N GLY A 39 -23.16 1.39 -6.53
CA GLY A 39 -21.81 1.47 -7.06
C GLY A 39 -21.07 2.71 -6.57
N PRO A 40 -19.72 2.69 -6.47
CA PRO A 40 -18.94 3.85 -6.00
C PRO A 40 -18.91 5.00 -6.99
N SER A 41 -18.96 6.24 -6.45
CA SER A 41 -19.05 7.44 -7.27
C SER A 41 -17.72 8.20 -7.27
N CYS A 42 -16.96 8.11 -6.17
CA CYS A 42 -15.73 8.86 -6.02
C CYS A 42 -14.63 7.96 -5.45
N TRP A 43 -13.38 8.46 -5.49
CA TRP A 43 -12.23 7.74 -4.97
C TRP A 43 -12.41 7.43 -3.48
N ASP A 44 -13.01 8.38 -2.75
CA ASP A 44 -13.17 8.28 -1.31
C ASP A 44 -14.01 7.06 -0.95
N ASP A 45 -14.96 6.72 -1.81
CA ASP A 45 -15.87 5.60 -1.60
C ASP A 45 -15.09 4.29 -1.60
N VAL A 46 -13.97 4.25 -2.34
CA VAL A 46 -13.21 3.03 -2.46
C VAL A 46 -11.95 3.07 -1.59
N LEU A 47 -11.56 4.28 -1.16
CA LEU A 47 -10.29 4.45 -0.44
C LEU A 47 -10.51 4.52 1.07
N ILE A 48 -11.52 5.28 1.51
CA ILE A 48 -11.82 5.39 2.94
C ILE A 48 -12.50 4.11 3.40
N PRO A 49 -11.99 3.44 4.47
CA PRO A 49 -12.53 2.15 4.90
C PRO A 49 -13.96 2.22 5.42
N ASN A 50 -14.76 1.22 5.03
CA ASN A 50 -16.09 0.96 5.56
C ASN A 50 -17.09 2.00 5.05
N ARG A 51 -16.72 2.72 3.98
CA ARG A 51 -17.49 3.85 3.49
C ARG A 51 -18.76 3.38 2.76
N MET A 52 -18.69 2.23 2.09
CA MET A 52 -19.81 1.71 1.32
C MET A 52 -20.31 0.40 1.92
N SER A 53 -21.47 -0.08 1.47
CA SER A 53 -22.15 -1.18 2.14
CA SER A 53 -22.15 -1.18 2.14
C SER A 53 -22.86 -2.12 1.16
N GLY A 54 -23.26 -3.28 1.69
CA GLY A 54 -23.94 -4.34 0.97
C GLY A 54 -24.13 -5.58 1.85
N GLU A 55 -24.47 -6.71 1.20
CA GLU A 55 -24.73 -7.96 1.88
C GLU A 55 -23.81 -9.06 1.34
N CYS A 56 -23.07 -9.70 2.26
CA CYS A 56 -22.23 -10.84 1.95
C CYS A 56 -23.13 -12.07 1.78
N GLN A 57 -23.10 -12.66 0.58
CA GLN A 57 -24.08 -13.68 0.20
C GLN A 57 -23.60 -15.07 0.58
N SER A 58 -22.63 -15.14 1.51
CA SER A 58 -22.26 -16.38 2.16
C SER A 58 -23.05 -16.49 3.47
N PRO A 59 -23.93 -17.50 3.60
CA PRO A 59 -24.97 -17.49 4.64
C PRO A 59 -24.48 -17.37 6.09
N HIS A 60 -23.36 -18.05 6.39
CA HIS A 60 -22.82 -18.10 7.74
C HIS A 60 -22.21 -16.75 8.14
N CYS A 61 -22.09 -15.83 7.18
CA CYS A 61 -21.51 -14.52 7.42
C CYS A 61 -22.60 -13.45 7.29
N PRO A 62 -22.82 -12.61 8.32
CA PRO A 62 -23.71 -11.46 8.22
C PRO A 62 -22.95 -10.21 7.77
N GLY A 63 -22.31 -10.30 6.59
CA GLY A 63 -21.42 -9.27 6.08
C GLY A 63 -22.17 -8.01 5.67
N THR A 64 -21.66 -6.86 6.12
CA THR A 64 -22.30 -5.57 5.89
C THR A 64 -21.36 -4.62 5.15
N SER A 65 -20.13 -4.48 5.67
CA SER A 65 -19.19 -3.48 5.18
C SER A 65 -18.41 -4.03 3.99
N ALA A 66 -18.16 -3.15 3.02
CA ALA A 66 -17.43 -3.51 1.80
C ALA A 66 -15.98 -3.05 1.90
N GLU A 67 -15.06 -3.90 1.42
CA GLU A 67 -13.64 -3.61 1.39
C GLU A 67 -13.17 -3.68 -0.05
N PHE A 68 -12.83 -2.52 -0.62
CA PHE A 68 -12.37 -2.46 -2.01
C PHE A 68 -10.88 -2.79 -2.07
N PHE A 69 -10.50 -3.52 -3.13
CA PHE A 69 -9.12 -3.84 -3.40
C PHE A 69 -8.85 -3.69 -4.90
N PHE A 70 -7.57 -3.61 -5.26
CA PHE A 70 -7.15 -3.34 -6.63
C PHE A 70 -6.16 -4.41 -7.06
N LYS A 71 -6.22 -4.77 -8.35
CA LYS A 71 -5.33 -5.78 -8.90
C LYS A 71 -4.73 -5.24 -10.19
N CYS A 72 -3.54 -5.76 -10.54
CA CYS A 72 -2.95 -5.48 -11.84
C CYS A 72 -3.83 -6.11 -12.92
N GLY A 73 -3.98 -5.40 -14.05
CA GLY A 73 -4.84 -5.84 -15.12
C GLY A 73 -4.06 -6.39 -16.31
N ALA A 74 -2.74 -6.54 -16.15
CA ALA A 74 -1.88 -6.86 -17.28
C ALA A 74 -1.69 -8.37 -17.44
N HIS A 75 -2.19 -9.14 -16.47
CA HIS A 75 -2.07 -10.59 -16.46
C HIS A 75 -3.11 -11.15 -15.49
N PRO A 76 -3.42 -12.46 -15.53
CA PRO A 76 -4.28 -13.08 -14.51
C PRO A 76 -3.70 -12.87 -13.12
N THR A 77 -4.59 -12.69 -12.14
CA THR A 77 -4.24 -12.47 -10.74
C THR A 77 -5.21 -13.24 -9.87
N SER A 78 -4.71 -13.82 -8.77
CA SER A 78 -5.54 -14.46 -7.77
C SER A 78 -6.34 -13.40 -7.02
N ASP A 79 -7.27 -13.86 -6.18
CA ASP A 79 -8.14 -12.99 -5.38
C ASP A 79 -7.32 -12.11 -4.45
N LYS A 80 -6.20 -12.63 -3.94
CA LYS A 80 -5.42 -11.95 -2.92
C LYS A 80 -4.14 -11.35 -3.49
N GLU A 81 -3.98 -11.40 -4.83
CA GLU A 81 -2.83 -10.78 -5.46
C GLU A 81 -3.17 -9.30 -5.73
N THR A 82 -3.01 -8.48 -4.69
CA THR A 82 -3.44 -7.09 -4.72
C THR A 82 -2.26 -6.18 -5.05
N SER A 83 -2.58 -5.01 -5.63
CA SER A 83 -1.62 -3.95 -5.91
C SER A 83 -2.15 -2.63 -5.36
N VAL A 84 -1.24 -1.71 -5.05
CA VAL A 84 -1.62 -0.42 -4.50
C VAL A 84 -2.14 0.46 -5.64
N ALA A 85 -3.27 1.14 -5.38
CA ALA A 85 -3.84 2.07 -6.34
C ALA A 85 -3.06 3.37 -6.33
N LEU A 86 -2.64 3.81 -7.52
CA LEU A 86 -2.00 5.11 -7.68
C LEU A 86 -3.02 6.09 -8.24
N HIS A 87 -3.81 6.67 -7.33
CA HIS A 87 -5.06 7.33 -7.67
C HIS A 87 -4.82 8.66 -8.41
N LEU A 88 -3.58 9.13 -8.42
CA LEU A 88 -3.28 10.40 -9.09
C LEU A 88 -3.02 10.16 -10.57
N ILE A 89 -2.82 8.89 -10.95
CA ILE A 89 -2.44 8.56 -12.32
C ILE A 89 -3.69 8.33 -13.15
N ALA A 90 -3.71 8.90 -14.36
CA ALA A 90 -4.87 8.81 -15.25
C ALA A 90 -4.42 8.66 -16.70
N THR A 91 -5.26 7.96 -17.48
CA THR A 91 -5.11 7.88 -18.93
C THR A 91 -5.22 9.29 -19.51
N ASN A 92 -4.34 9.62 -20.46
CA ASN A 92 -4.32 10.94 -21.08
C ASN A 92 -5.17 10.94 -22.34
N SER A 93 -6.48 10.72 -22.16
CA SER A 93 -7.42 10.55 -23.25
CA SER A 93 -7.41 10.54 -23.27
C SER A 93 -7.62 11.85 -24.02
N ARG A 94 -7.50 12.98 -23.31
CA ARG A 94 -7.73 14.30 -23.88
C ARG A 94 -6.41 14.97 -24.30
N ASN A 95 -5.31 14.21 -24.26
CA ASN A 95 -4.02 14.63 -24.83
C ASN A 95 -3.52 15.92 -24.18
N ILE A 96 -3.61 16.01 -22.85
CA ILE A 96 -3.10 17.16 -22.13
C ILE A 96 -1.58 17.10 -22.14
N THR A 97 -0.95 18.24 -22.43
CA THR A 97 0.50 18.33 -22.50
C THR A 97 1.08 18.32 -21.09
N CYS A 98 2.26 17.72 -20.95
CA CYS A 98 2.97 17.65 -19.68
C CYS A 98 3.45 19.03 -19.29
N ILE A 99 3.20 19.41 -18.03
CA ILE A 99 3.52 20.74 -17.53
C ILE A 99 5.02 20.98 -17.61
N THR A 100 5.82 19.91 -17.66
CA THR A 100 7.28 20.03 -17.65
C THR A 100 7.87 19.96 -19.05
N CYS A 101 7.56 18.91 -19.81
CA CYS A 101 8.22 18.65 -21.08
C CYS A 101 7.36 19.08 -22.27
N THR A 102 6.07 19.37 -22.00
CA THR A 102 5.09 19.86 -22.97
C THR A 102 4.67 18.78 -23.97
N ASP A 103 5.18 17.55 -23.81
CA ASP A 103 4.84 16.48 -24.74
C ASP A 103 3.58 15.76 -24.26
N VAL A 104 2.99 14.97 -25.16
CA VAL A 104 1.80 14.18 -24.86
C VAL A 104 2.23 12.72 -24.69
N ARG A 105 1.96 12.18 -23.50
CA ARG A 105 2.17 10.77 -23.19
C ARG A 105 1.02 10.27 -22.34
N SER A 106 0.91 8.94 -22.21
CA SER A 106 -0.08 8.31 -21.38
C SER A 106 0.53 7.09 -20.70
N PRO A 107 0.24 6.82 -19.41
CA PRO A 107 -0.57 7.70 -18.56
C PRO A 107 0.14 8.95 -18.06
N VAL A 108 -0.55 9.72 -17.20
CA VAL A 108 -0.01 10.95 -16.62
C VAL A 108 -0.41 10.98 -15.14
N LEU A 109 0.35 11.77 -14.35
CA LEU A 109 0.00 12.02 -12.96
C LEU A 109 -0.59 13.42 -12.85
N VAL A 110 -1.63 13.56 -12.02
CA VAL A 110 -2.36 14.81 -11.87
C VAL A 110 -2.23 15.26 -10.42
N PHE A 111 -1.57 16.41 -10.21
CA PHE A 111 -1.37 16.96 -8.88
C PHE A 111 -2.69 17.49 -8.34
N GLN A 112 -2.83 17.49 -7.01
CA GLN A 112 -4.06 17.90 -6.36
C GLN A 112 -3.97 19.37 -5.93
N CYS A 113 -3.20 20.16 -6.70
CA CYS A 113 -3.22 21.60 -6.59
C CYS A 113 -4.50 22.12 -7.24
N ASN A 114 -4.77 23.42 -7.05
CA ASN A 114 -5.98 24.04 -7.56
C ASN A 114 -6.04 23.95 -9.08
N SER A 115 -4.87 24.00 -9.73
CA SER A 115 -4.77 24.03 -11.19
C SER A 115 -4.76 22.62 -11.77
N ARG A 116 -4.75 21.60 -10.90
CA ARG A 116 -4.75 20.20 -11.30
C ARG A 116 -3.73 19.98 -12.42
N HIS A 117 -2.47 20.39 -12.17
CA HIS A 117 -1.40 20.30 -13.15
C HIS A 117 -1.09 18.84 -13.46
N VAL A 118 -0.70 18.59 -14.72
CA VAL A 118 -0.50 17.25 -15.26
C VAL A 118 0.98 17.07 -15.63
N ILE A 119 1.54 15.94 -15.23
CA ILE A 119 2.94 15.59 -15.52
C ILE A 119 2.99 14.17 -16.08
N CYS A 120 3.85 13.95 -17.08
CA CYS A 120 4.06 12.60 -17.61
C CYS A 120 4.93 11.82 -16.62
N LEU A 121 4.96 10.49 -16.79
CA LEU A 121 5.59 9.63 -15.80
C LEU A 121 7.11 9.69 -15.89
N ASP A 122 7.64 9.98 -17.09
CA ASP A 122 9.07 10.14 -17.29
C ASP A 122 9.56 11.36 -16.51
N CYS A 123 8.82 12.46 -16.62
CA CYS A 123 9.15 13.69 -15.93
C CYS A 123 8.92 13.55 -14.43
N PHE A 124 7.91 12.77 -14.03
CA PHE A 124 7.64 12.57 -12.62
C PHE A 124 8.77 11.77 -11.99
N HIS A 125 9.19 10.72 -12.70
CA HIS A 125 10.34 9.91 -12.34
C HIS A 125 11.54 10.84 -12.16
N LEU A 126 11.69 11.80 -13.08
CA LEU A 126 12.78 12.75 -13.09
C LEU A 126 12.70 13.68 -11.88
N TYR A 127 11.54 14.34 -11.71
CA TYR A 127 11.26 15.23 -10.60
C TYR A 127 11.64 14.54 -9.29
N CYS A 128 11.31 13.25 -9.16
CA CYS A 128 11.50 12.49 -7.94
C CYS A 128 12.97 12.16 -7.71
N VAL A 129 13.67 11.70 -8.76
CA VAL A 129 15.05 11.27 -8.65
C VAL A 129 15.96 12.47 -8.39
N THR A 130 15.50 13.66 -8.80
CA THR A 130 16.27 14.88 -8.62
C THR A 130 16.10 15.43 -7.21
N ARG A 131 14.88 15.37 -6.66
CA ARG A 131 14.58 16.00 -5.38
C ARG A 131 15.10 15.16 -4.21
N LEU A 132 15.04 13.83 -4.35
CA LEU A 132 15.48 12.91 -3.31
C LEU A 132 16.98 13.11 -3.04
N ASN A 133 17.77 12.98 -4.11
CA ASN A 133 19.23 13.00 -4.05
C ASN A 133 19.75 14.36 -3.60
N ASP A 134 18.91 15.40 -3.75
CA ASP A 134 19.27 16.75 -3.37
C ASP A 134 18.64 17.09 -2.02
N ARG A 135 18.04 16.08 -1.36
CA ARG A 135 17.42 16.24 -0.05
C ARG A 135 16.37 17.33 -0.10
N GLN A 136 15.55 17.34 -1.16
CA GLN A 136 14.59 18.40 -1.40
C GLN A 136 13.16 17.88 -1.25
N PHE A 137 13.01 16.64 -0.78
CA PHE A 137 11.69 16.14 -0.39
C PHE A 137 11.29 16.86 0.90
N VAL A 138 9.97 16.99 1.13
CA VAL A 138 9.47 17.74 2.27
C VAL A 138 8.87 16.76 3.29
N HIS A 139 9.13 17.04 4.57
CA HIS A 139 8.52 16.26 5.65
C HIS A 139 7.29 16.99 6.17
N ASP A 140 6.16 16.27 6.19
CA ASP A 140 4.94 16.74 6.82
C ASP A 140 4.54 15.71 7.88
N PRO A 141 4.50 16.08 9.18
CA PRO A 141 4.20 15.12 10.24
C PRO A 141 2.89 14.36 10.02
N GLN A 142 2.05 14.88 9.14
CA GLN A 142 0.74 14.31 8.85
C GLN A 142 0.83 13.34 7.66
N LEU A 143 1.68 13.65 6.68
CA LEU A 143 1.72 12.90 5.43
C LEU A 143 2.93 11.98 5.38
N GLY A 144 4.10 12.53 5.74
CA GLY A 144 5.37 11.83 5.58
C GLY A 144 6.30 12.57 4.64
N TYR A 145 7.23 11.83 4.02
CA TYR A 145 8.20 12.36 3.08
C TYR A 145 7.56 12.41 1.69
N SER A 146 7.31 13.63 1.20
CA SER A 146 6.58 13.78 -0.06
C SER A 146 7.16 14.92 -0.89
N LEU A 147 6.54 15.16 -2.04
CA LEU A 147 6.86 16.27 -2.93
C LEU A 147 5.58 17.02 -3.27
N PRO A 148 5.63 18.36 -3.47
CA PRO A 148 4.47 19.11 -3.94
C PRO A 148 4.38 19.07 -5.47
N CYS A 149 3.43 19.84 -6.02
CA CYS A 149 3.36 20.11 -7.45
C CYS A 149 4.72 20.63 -7.93
N VAL A 150 5.13 20.21 -9.13
CA VAL A 150 6.41 20.60 -9.71
C VAL A 150 6.43 22.10 -9.98
N ALA A 151 5.22 22.71 -10.04
CA ALA A 151 5.08 24.14 -10.30
C ALA A 151 5.16 24.94 -9.01
N GLY A 152 5.18 24.24 -7.87
CA GLY A 152 5.37 24.85 -6.56
C GLY A 152 4.08 25.40 -5.96
N CYS A 153 2.94 24.87 -6.42
CA CYS A 153 1.64 25.29 -5.96
C CYS A 153 1.47 24.89 -4.49
N PRO A 154 0.82 25.73 -3.65
CA PRO A 154 0.61 25.42 -2.24
C PRO A 154 -0.34 24.25 -2.03
N ASN A 155 -0.24 23.62 -0.86
CA ASN A 155 -1.10 22.52 -0.43
C ASN A 155 -1.23 21.50 -1.55
N SER A 156 -0.09 21.00 -2.05
CA SER A 156 -0.07 20.13 -3.20
C SER A 156 0.78 18.88 -2.95
N LEU A 157 1.14 18.65 -1.68
CA LEU A 157 1.94 17.48 -1.32
C LEU A 157 1.15 16.22 -1.65
N ILE A 158 1.84 15.26 -2.29
CA ILE A 158 1.27 13.96 -2.62
C ILE A 158 0.99 13.21 -1.32
N LYS A 159 -0.22 12.64 -1.23
CA LYS A 159 -0.69 12.03 0.01
C LYS A 159 -0.41 10.53 0.02
N GLU A 160 -0.59 9.88 -1.13
CA GLU A 160 -0.32 8.46 -1.28
C GLU A 160 1.12 8.28 -1.73
N LEU A 161 1.98 7.86 -0.80
CA LEU A 161 3.42 7.91 -1.00
C LEU A 161 3.89 6.73 -1.85
N HIS A 162 2.98 5.79 -2.13
CA HIS A 162 3.27 4.70 -3.05
C HIS A 162 3.46 5.22 -4.48
N HIS A 163 3.08 6.48 -4.72
CA HIS A 163 3.32 7.10 -6.01
C HIS A 163 4.83 7.19 -6.29
N PHE A 164 5.63 7.21 -5.22
CA PHE A 164 7.08 7.30 -5.34
C PHE A 164 7.66 5.94 -5.75
N ARG A 165 6.80 4.95 -5.98
CA ARG A 165 7.21 3.67 -6.54
C ARG A 165 7.76 3.87 -7.95
N ILE A 166 7.51 5.06 -8.53
CA ILE A 166 7.98 5.36 -9.88
CA ILE A 166 7.97 5.42 -9.86
C ILE A 166 9.49 5.60 -9.85
N LEU A 167 10.05 5.76 -8.64
CA LEU A 167 11.49 5.91 -8.45
C LEU A 167 12.22 4.65 -8.92
N GLY A 168 11.50 3.52 -8.92
CA GLY A 168 12.12 2.22 -9.09
C GLY A 168 12.58 1.66 -7.74
N GLU A 169 12.87 0.35 -7.71
CA GLU A 169 13.06 -0.39 -6.46
C GLU A 169 14.16 0.21 -5.59
N GLU A 170 15.36 0.35 -6.16
CA GLU A 170 16.54 0.75 -5.39
C GLU A 170 16.36 2.16 -4.84
N GLN A 171 15.92 3.07 -5.71
CA GLN A 171 15.72 4.47 -5.35
C GLN A 171 14.52 4.60 -4.40
N TYR A 172 13.55 3.68 -4.53
CA TYR A 172 12.41 3.64 -3.63
C TYR A 172 12.87 3.31 -2.22
N ASN A 173 13.76 2.30 -2.09
CA ASN A 173 14.28 1.91 -0.79
C ASN A 173 15.13 3.03 -0.18
N ARG A 174 15.87 3.75 -1.03
CA ARG A 174 16.63 4.92 -0.59
C ARG A 174 15.68 6.01 -0.11
N TYR A 175 14.61 6.25 -0.88
CA TYR A 175 13.58 7.22 -0.54
C TYR A 175 13.05 6.94 0.87
N GLN A 176 12.68 5.68 1.12
CA GLN A 176 12.14 5.26 2.40
CA GLN A 176 12.14 5.26 2.40
CA GLN A 176 12.14 5.28 2.41
C GLN A 176 13.17 5.47 3.50
N GLN A 177 14.44 5.18 3.20
CA GLN A 177 15.53 5.35 4.16
C GLN A 177 15.66 6.83 4.54
N TYR A 178 15.72 7.69 3.52
CA TYR A 178 15.91 9.12 3.69
C TYR A 178 14.73 9.72 4.46
N GLY A 179 13.52 9.21 4.16
CA GLY A 179 12.30 9.68 4.78
C GLY A 179 12.26 9.39 6.28
N ALA A 180 12.72 8.18 6.64
CA ALA A 180 12.79 7.76 8.03
C ALA A 180 13.82 8.60 8.80
N GLU A 181 14.96 8.87 8.15
CA GLU A 181 15.98 9.74 8.73
C GLU A 181 15.38 11.11 9.04
N GLU A 182 14.68 11.67 8.04
CA GLU A 182 14.08 12.99 8.14
C GLU A 182 13.02 13.00 9.25
N CYS A 183 12.27 11.90 9.37
CA CYS A 183 11.24 11.76 10.39
C CYS A 183 11.87 11.89 11.79
N VAL A 184 12.97 11.16 12.01
CA VAL A 184 13.71 11.20 13.26
C VAL A 184 14.09 12.64 13.60
N LEU A 185 14.64 13.35 12.62
CA LEU A 185 15.20 14.67 12.85
C LEU A 185 14.10 15.68 13.16
N GLN A 186 12.95 15.56 12.48
CA GLN A 186 11.83 16.48 12.65
C GLN A 186 11.16 16.26 14.00
N MET A 187 11.34 15.05 14.56
CA MET A 187 10.81 14.71 15.87
C MET A 187 11.80 15.11 16.97
N GLY A 188 12.89 15.77 16.58
CA GLY A 188 13.90 16.24 17.53
C GLY A 188 14.88 15.14 17.92
N GLY A 189 14.93 14.08 17.12
CA GLY A 189 15.82 12.95 17.37
C GLY A 189 17.19 13.14 16.74
N VAL A 190 18.02 12.11 16.86
CA VAL A 190 19.41 12.15 16.41
C VAL A 190 19.72 10.85 15.68
N LEU A 191 20.60 10.93 14.69
CA LEU A 191 21.15 9.75 14.05
C LEU A 191 22.55 9.50 14.61
N CYS A 192 22.79 8.27 15.05
CA CYS A 192 24.04 7.88 15.68
C CYS A 192 25.21 8.18 14.74
N PRO A 193 26.26 8.91 15.19
CA PRO A 193 27.35 9.31 14.32
C PRO A 193 28.44 8.26 14.07
N ARG A 194 28.32 7.10 14.72
CA ARG A 194 29.34 6.07 14.60
C ARG A 194 29.29 5.49 13.19
N PRO A 195 30.45 5.35 12.50
CA PRO A 195 30.48 4.78 11.14
C PRO A 195 29.93 3.36 11.16
N GLY A 196 29.12 3.03 10.15
CA GLY A 196 28.51 1.72 10.03
C GLY A 196 27.22 1.58 10.84
N CYS A 197 26.86 2.63 11.60
CA CYS A 197 25.65 2.58 12.40
C CYS A 197 24.58 3.50 11.79
N GLY A 198 24.38 4.67 12.39
CA GLY A 198 23.40 5.63 11.90
C GLY A 198 21.98 5.31 12.38
N ALA A 199 21.89 4.57 13.50
CA ALA A 199 20.63 4.22 14.11
C ALA A 199 19.84 5.47 14.46
N GLY A 200 18.52 5.42 14.24
CA GLY A 200 17.63 6.51 14.60
C GLY A 200 17.28 6.44 16.08
N LEU A 201 17.55 7.54 16.79
CA LEU A 201 17.40 7.58 18.24
C LEU A 201 16.55 8.80 18.60
N LEU A 202 15.66 8.61 19.59
CA LEU A 202 14.77 9.67 20.06
C LEU A 202 14.95 9.84 21.57
N PRO A 203 15.96 10.62 22.03
CA PRO A 203 16.15 10.87 23.45
C PRO A 203 15.18 11.95 23.93
N GLU A 204 15.12 12.14 25.25
CA GLU A 204 14.43 13.28 25.84
C GLU A 204 15.18 14.55 25.44
N PRO A 205 14.48 15.67 25.12
CA PRO A 205 15.15 16.87 24.61
C PRO A 205 16.17 17.48 25.57
N ASP A 206 16.01 17.16 26.86
CA ASP A 206 16.84 17.71 27.92
C ASP A 206 18.21 17.02 27.94
N CYS A 207 18.24 15.75 27.51
CA CYS A 207 19.44 14.93 27.59
C CYS A 207 20.46 15.36 26.55
N ARG A 208 21.73 15.48 26.98
CA ARG A 208 22.84 15.70 26.07
C ARG A 208 23.50 14.36 25.77
N LYS A 209 23.49 13.47 26.77
CA LYS A 209 24.07 12.13 26.64
C LYS A 209 23.10 11.25 25.86
N VAL A 210 23.59 10.69 24.75
CA VAL A 210 22.82 9.75 23.95
C VAL A 210 23.62 8.47 23.78
N THR A 211 23.07 7.35 24.27
CA THR A 211 23.68 6.05 24.15
C THR A 211 22.95 5.26 23.07
N CYS A 212 23.69 4.76 22.09
CA CYS A 212 23.12 3.97 21.02
C CYS A 212 22.76 2.57 21.53
N GLY A 214 23.11 -0.69 22.78
CA GLY A 214 23.39 -1.99 22.15
C GLY A 214 22.74 -3.15 22.92
N GLY A 215 21.65 -2.83 23.64
CA GLY A 215 20.98 -3.76 24.54
C GLY A 215 20.50 -5.03 23.83
N ASN A 216 19.62 -4.85 22.84
CA ASN A 216 18.98 -5.98 22.16
C ASN A 216 19.69 -6.28 20.84
N GLY A 217 20.83 -5.62 20.61
CA GLY A 217 21.61 -5.81 19.40
C GLY A 217 21.26 -4.79 18.32
N LEU A 218 20.36 -3.86 18.66
CA LEU A 218 19.84 -2.88 17.72
C LEU A 218 20.78 -1.67 17.67
N GLY A 219 21.64 -1.53 18.69
CA GLY A 219 22.52 -0.39 18.80
C GLY A 219 24.00 -0.80 18.78
N CYS A 220 24.89 0.21 18.79
CA CYS A 220 26.32 -0.02 18.72
C CYS A 220 26.98 0.30 20.06
N GLY A 221 26.20 0.85 20.99
CA GLY A 221 26.64 1.07 22.35
C GLY A 221 27.35 2.41 22.55
N PHE A 222 27.59 3.13 21.44
CA PHE A 222 28.29 4.41 21.47
C PHE A 222 27.48 5.41 22.30
N ALA A 223 28.11 5.89 23.38
CA ALA A 223 27.60 7.01 24.16
C ALA A 223 28.25 8.28 23.66
N PHE A 224 27.41 9.22 23.19
CA PHE A 224 27.93 10.42 22.55
C PHE A 224 27.18 11.65 23.04
N CYS A 225 27.81 12.82 22.85
CA CYS A 225 27.18 14.11 23.06
C CYS A 225 26.43 14.49 21.79
N ARG A 226 25.16 14.89 21.95
CA ARG A 226 24.28 15.11 20.81
C ARG A 226 24.65 16.40 20.08
N GLU A 227 25.44 17.27 20.73
CA GLU A 227 25.78 18.57 20.18
C GLU A 227 27.01 18.44 19.27
N CYS A 228 28.11 17.86 19.80
CA CYS A 228 29.36 17.78 19.05
C CYS A 228 29.48 16.44 18.33
N LYS A 229 28.69 15.45 18.77
CA LYS A 229 28.59 14.13 18.18
C LYS A 229 29.84 13.30 18.42
N GLU A 230 30.70 13.76 19.34
CA GLU A 230 31.84 12.99 19.77
C GLU A 230 31.44 12.22 21.02
N ALA A 231 32.35 11.35 21.51
CA ALA A 231 32.14 10.60 22.74
C ALA A 231 31.67 11.53 23.85
N TYR A 232 30.76 11.05 24.69
CA TYR A 232 30.21 11.87 25.75
C TYR A 232 31.32 12.42 26.64
N HIS A 233 31.22 13.72 26.93
CA HIS A 233 32.19 14.46 27.73
C HIS A 233 31.42 15.29 28.74
N GLU A 234 32.11 15.71 29.82
CA GLU A 234 31.51 16.63 30.77
C GLU A 234 31.77 18.06 30.29
N GLY A 235 30.93 18.99 30.74
CA GLY A 235 31.12 20.41 30.48
C GLY A 235 30.90 20.77 29.01
N GLU A 236 31.54 21.85 28.57
CA GLU A 236 31.33 22.41 27.25
C GLU A 236 32.07 21.57 26.20
N CYS A 237 31.54 21.58 24.97
CA CYS A 237 32.18 20.92 23.84
C CYS A 237 33.47 21.67 23.49
N SER A 238 34.46 20.95 22.97
CA SER A 238 35.72 21.51 22.53
C SER A 238 36.34 22.37 23.64
N MET B 1 0.84 -12.36 5.51
CA MET B 1 1.85 -11.89 4.52
C MET B 1 3.15 -11.55 5.26
N GLN B 2 4.23 -11.47 4.46
CA GLN B 2 5.57 -11.15 4.94
C GLN B 2 5.80 -9.66 4.78
N ILE B 3 6.25 -8.99 5.86
CA ILE B 3 6.78 -7.64 5.77
C ILE B 3 8.14 -7.62 6.45
N PHE B 4 8.89 -6.54 6.20
CA PHE B 4 10.21 -6.37 6.79
C PHE B 4 10.21 -5.14 7.68
N VAL B 5 10.93 -5.24 8.80
CA VAL B 5 11.22 -4.10 9.65
C VAL B 5 12.73 -3.91 9.67
N LYS B 6 13.19 -2.69 9.37
CA LYS B 6 14.60 -2.37 9.31
C LYS B 6 14.91 -1.17 10.19
N THR B 7 16.02 -1.25 10.92
CA THR B 7 16.59 -0.08 11.58
C THR B 7 17.31 0.76 10.53
N LEU B 8 17.70 1.97 10.91
CA LEU B 8 18.40 2.85 9.98
C LEU B 8 19.84 2.37 9.73
N THR B 9 20.27 1.33 10.45
CA THR B 9 21.57 0.71 10.23
C THR B 9 21.46 -0.34 9.12
N GLY B 10 20.23 -0.73 8.78
CA GLY B 10 20.01 -1.76 7.79
C GLY B 10 19.69 -3.11 8.39
N LYS B 11 19.79 -3.24 9.72
CA LYS B 11 19.42 -4.47 10.40
C LYS B 11 17.97 -4.79 10.05
N THR B 12 17.71 -6.02 9.59
CA THR B 12 16.44 -6.43 9.02
C THR B 12 15.82 -7.56 9.81
N ILE B 13 14.52 -7.41 10.12
CA ILE B 13 13.71 -8.39 10.82
C ILE B 13 12.53 -8.72 9.89
N THR B 14 12.14 -10.00 9.84
CA THR B 14 11.00 -10.42 9.04
C THR B 14 9.83 -10.76 9.95
N LEU B 15 8.64 -10.27 9.60
CA LEU B 15 7.43 -10.52 10.35
C LEU B 15 6.37 -11.19 9.46
N GLU B 16 5.57 -12.06 10.07
CA GLU B 16 4.37 -12.61 9.44
C GLU B 16 3.16 -11.86 9.97
N VAL B 17 2.49 -11.12 9.08
CA VAL B 17 1.43 -10.20 9.48
C VAL B 17 0.21 -10.40 8.59
N GLU B 18 -0.90 -9.76 8.99
CA GLU B 18 -2.05 -9.57 8.13
C GLU B 18 -2.23 -8.08 7.92
N PRO B 19 -2.82 -7.61 6.79
CA PRO B 19 -3.10 -6.19 6.60
C PRO B 19 -3.95 -5.60 7.72
N SER B 20 -4.66 -6.48 8.44
CA SER B 20 -5.58 -6.08 9.49
C SER B 20 -4.87 -5.95 10.84
N ASP B 21 -3.60 -6.39 10.91
CA ASP B 21 -2.81 -6.27 12.13
C ASP B 21 -2.58 -4.79 12.43
N THR B 22 -2.81 -4.36 13.67
CA THR B 22 -2.68 -2.93 13.95
C THR B 22 -1.20 -2.53 13.93
N ILE B 23 -0.91 -1.23 13.95
CA ILE B 23 0.47 -0.76 14.08
C ILE B 23 0.97 -1.20 15.45
N GLU B 24 0.08 -1.15 16.45
CA GLU B 24 0.34 -1.68 17.78
C GLU B 24 0.69 -3.18 17.70
N ASN B 25 -0.07 -3.93 16.89
CA ASN B 25 0.16 -5.36 16.69
C ASN B 25 1.52 -5.60 16.05
N VAL B 26 1.89 -4.78 15.05
CA VAL B 26 3.18 -4.93 14.36
C VAL B 26 4.30 -4.68 15.37
N LYS B 27 4.11 -3.67 16.24
CA LYS B 27 5.11 -3.31 17.25
C LYS B 27 5.33 -4.47 18.20
N ALA B 28 4.28 -5.25 18.49
CA ALA B 28 4.43 -6.39 19.42
C ALA B 28 5.43 -7.41 18.86
N LYS B 29 5.02 -8.25 17.90
CA LYS B 29 5.78 -9.23 17.12
C LYS B 29 7.27 -8.91 17.07
N ILE B 30 7.60 -7.61 17.09
CA ILE B 30 8.98 -7.16 17.11
C ILE B 30 9.61 -7.50 18.46
N GLN B 31 8.83 -7.32 19.54
CA GLN B 31 9.29 -7.66 20.88
C GLN B 31 9.54 -9.16 20.97
N ASP B 32 8.66 -9.95 20.35
CA ASP B 32 8.77 -11.40 20.36
C ASP B 32 10.07 -11.84 19.69
N LYS B 33 10.48 -11.10 18.65
CA LYS B 33 11.63 -11.49 17.83
C LYS B 33 12.94 -10.99 18.44
N GLU B 34 12.97 -9.71 18.86
CA GLU B 34 14.23 -9.06 19.17
C GLU B 34 14.30 -8.64 20.64
N GLY B 35 13.16 -8.65 21.33
CA GLY B 35 13.13 -8.37 22.75
C GLY B 35 13.12 -6.87 23.07
N ILE B 36 12.83 -6.06 22.05
CA ILE B 36 12.69 -4.63 22.25
C ILE B 36 11.32 -4.37 22.87
N PRO B 37 11.24 -3.72 24.05
CA PRO B 37 9.95 -3.35 24.64
C PRO B 37 9.18 -2.47 23.67
N PRO B 38 7.86 -2.73 23.45
CA PRO B 38 7.06 -1.94 22.50
C PRO B 38 7.07 -0.43 22.75
N ASP B 39 7.25 -0.02 24.02
CA ASP B 39 7.22 1.38 24.40
C ASP B 39 8.44 2.12 23.85
N GLN B 40 9.51 1.38 23.56
CA GLN B 40 10.74 1.97 23.07
C GLN B 40 10.73 2.02 21.54
N GLN B 41 9.70 1.42 20.92
CA GLN B 41 9.64 1.28 19.47
C GLN B 41 8.84 2.42 18.84
N ARG B 42 9.37 2.97 17.76
CA ARG B 42 8.64 3.87 16.87
C ARG B 42 8.79 3.39 15.43
N LEU B 43 7.65 3.15 14.76
CA LEU B 43 7.68 2.61 13.41
C LEU B 43 7.34 3.70 12.40
N ILE B 44 8.01 3.66 11.25
CA ILE B 44 7.94 4.70 10.23
C ILE B 44 7.78 4.03 8.87
N PHE B 45 6.86 4.56 8.05
CA PHE B 45 6.74 4.12 6.67
C PHE B 45 6.69 5.34 5.75
N ALA B 46 7.60 5.37 4.77
CA ALA B 46 7.73 6.46 3.83
C ALA B 46 7.85 7.81 4.54
N GLY B 47 8.49 7.83 5.71
CA GLY B 47 8.74 9.06 6.44
C GLY B 47 7.59 9.47 7.35
N LYS B 48 6.57 8.62 7.47
CA LYS B 48 5.40 8.89 8.30
C LYS B 48 5.42 8.00 9.54
N GLN B 49 5.33 8.61 10.73
CA GLN B 49 5.25 7.84 11.97
C GLN B 49 3.91 7.11 11.99
N LEU B 50 3.96 5.81 12.34
CA LEU B 50 2.76 4.99 12.35
C LEU B 50 2.12 5.04 13.74
N GLU B 51 0.79 5.20 13.77
CA GLU B 51 0.03 5.36 14.99
C GLU B 51 -0.55 4.01 15.42
N ASP B 52 -0.45 3.72 16.73
CA ASP B 52 -0.76 2.42 17.30
C ASP B 52 -2.13 1.93 16.84
N GLY B 53 -3.12 2.83 16.84
CA GLY B 53 -4.51 2.47 16.59
C GLY B 53 -4.74 1.94 15.17
N ARG B 54 -3.84 2.28 14.25
CA ARG B 54 -4.07 2.07 12.83
C ARG B 54 -3.56 0.69 12.41
N THR B 55 -3.99 0.24 11.23
CA THR B 55 -3.59 -1.04 10.67
C THR B 55 -2.62 -0.80 9.53
N LEU B 56 -1.92 -1.88 9.12
CA LEU B 56 -1.02 -1.81 7.98
C LEU B 56 -1.82 -1.39 6.75
N SER B 57 -3.08 -1.85 6.66
CA SER B 57 -3.93 -1.56 5.53
C SER B 57 -4.27 -0.07 5.45
N ASP B 58 -4.31 0.60 6.62
CA ASP B 58 -4.55 2.03 6.69
C ASP B 58 -3.44 2.80 5.96
N TYR B 59 -2.23 2.23 5.91
CA TYR B 59 -1.09 2.88 5.29
C TYR B 59 -0.79 2.23 3.94
N ASN B 60 -1.64 1.28 3.55
CA ASN B 60 -1.56 0.61 2.26
C ASN B 60 -0.21 -0.10 2.11
N ILE B 61 0.34 -0.57 3.23
CA ILE B 61 1.60 -1.29 3.24
C ILE B 61 1.38 -2.67 2.62
N GLN B 62 2.15 -2.95 1.56
CA GLN B 62 1.95 -4.14 0.74
C GLN B 62 2.84 -5.28 1.25
N LYS B 63 2.52 -6.49 0.78
CA LYS B 63 3.37 -7.65 1.04
C LYS B 63 4.78 -7.33 0.59
N GLU B 64 5.76 -7.67 1.44
CA GLU B 64 7.18 -7.60 1.16
C GLU B 64 7.69 -6.15 1.26
N SEP B 65 6.85 -5.24 1.77
CA SEP B 65 7.27 -3.87 1.99
CB SEP B 65 6.09 -2.91 1.86
OG SEP B 65 5.73 -2.86 0.46
C SEP B 65 7.99 -3.74 3.33
O SEP B 65 7.95 -4.67 4.14
P SEP B 65 5.29 -1.45 -0.19
O1P SEP B 65 3.96 -1.09 0.48
O2P SEP B 65 6.38 -0.44 0.11
O3P SEP B 65 5.16 -1.72 -1.67
N THR B 66 8.65 -2.60 3.54
CA THR B 66 9.53 -2.41 4.67
C THR B 66 9.02 -1.28 5.57
N LEU B 67 8.98 -1.54 6.88
CA LEU B 67 8.81 -0.51 7.89
C LEU B 67 10.19 -0.18 8.46
N HIS B 68 10.37 1.09 8.86
CA HIS B 68 11.58 1.51 9.55
C HIS B 68 11.32 1.63 11.04
N LEU B 69 12.27 1.14 11.84
CA LEU B 69 12.20 1.16 13.29
C LEU B 69 13.28 2.08 13.84
N VAL B 70 12.87 3.00 14.73
CA VAL B 70 13.76 3.84 15.51
C VAL B 70 13.38 3.69 16.98
N LEU B 71 14.27 4.11 17.89
CA LEU B 71 14.12 3.82 19.30
C LEU B 71 14.00 5.11 20.11
N ARG B 72 13.04 5.12 21.04
CA ARG B 72 12.90 6.17 22.04
C ARG B 72 13.82 5.84 23.20
N LEU B 73 14.56 6.85 23.67
CA LEU B 73 15.48 6.68 24.79
C LEU B 73 15.01 7.58 25.94
N ARG B 74 14.94 7.00 27.14
CA ARG B 74 14.46 7.68 28.32
C ARG B 74 15.60 8.46 28.98
N GLY B 75 16.78 7.84 29.01
CA GLY B 75 17.97 8.45 29.57
C GLY B 75 17.80 8.83 31.03
N MET C 1 -12.46 -19.36 -23.69
CA MET C 1 -11.71 -18.74 -22.56
C MET C 1 -12.03 -19.47 -21.26
N ILE C 2 -11.25 -19.17 -20.21
CA ILE C 2 -11.36 -19.84 -18.92
C ILE C 2 -11.88 -18.84 -17.90
N VAL C 3 -12.76 -19.32 -17.01
CA VAL C 3 -13.20 -18.57 -15.84
C VAL C 3 -13.03 -19.47 -14.62
N PHE C 4 -12.46 -18.91 -13.54
CA PHE C 4 -12.27 -19.62 -12.29
C PHE C 4 -13.51 -19.44 -11.41
N VAL C 5 -13.94 -20.54 -10.80
CA VAL C 5 -15.11 -20.57 -9.96
C VAL C 5 -14.67 -20.95 -8.54
N ARG C 6 -15.10 -20.14 -7.55
CA ARG C 6 -14.96 -20.49 -6.15
C ARG C 6 -16.34 -20.88 -5.60
N PHE C 7 -16.65 -22.18 -5.64
CA PHE C 7 -17.91 -22.69 -5.12
C PHE C 7 -17.85 -22.72 -3.60
N ASN C 8 -18.64 -21.86 -2.96
CA ASN C 8 -18.73 -21.77 -1.51
C ASN C 8 -17.34 -21.71 -0.89
N SER C 9 -16.50 -20.81 -1.45
CA SER C 9 -15.17 -20.51 -0.96
C SER C 9 -14.20 -21.69 -1.15
N SER C 10 -14.59 -22.66 -1.98
CA SER C 10 -13.71 -23.76 -2.32
C SER C 10 -12.63 -23.28 -3.27
N HIS C 11 -11.50 -24.00 -3.30
CA HIS C 11 -10.39 -23.70 -4.18
C HIS C 11 -10.89 -23.55 -5.61
N GLY C 12 -10.54 -22.44 -6.26
CA GLY C 12 -10.97 -22.12 -7.60
C GLY C 12 -10.67 -23.25 -8.59
N PHE C 13 -11.66 -23.60 -9.40
CA PHE C 13 -11.49 -24.57 -10.47
C PHE C 13 -11.75 -23.91 -11.81
N PRO C 14 -10.95 -24.20 -12.86
CA PRO C 14 -11.17 -23.61 -14.19
C PRO C 14 -12.39 -24.18 -14.89
N VAL C 15 -13.10 -23.31 -15.63
CA VAL C 15 -14.23 -23.69 -16.46
C VAL C 15 -14.05 -23.01 -17.82
N GLU C 16 -14.04 -23.81 -18.89
CA GLU C 16 -13.94 -23.26 -20.23
C GLU C 16 -15.32 -22.77 -20.68
N VAL C 17 -15.35 -21.54 -21.21
CA VAL C 17 -16.59 -20.92 -21.69
C VAL C 17 -16.32 -20.22 -23.03
N ASP C 18 -17.39 -19.70 -23.64
CA ASP C 18 -17.31 -18.89 -24.85
C ASP C 18 -17.88 -17.51 -24.57
N SER C 19 -17.72 -16.60 -25.54
CA SER C 19 -18.29 -15.26 -25.46
C SER C 19 -19.81 -15.34 -25.42
N ASP C 20 -20.36 -16.40 -26.03
CA ASP C 20 -21.78 -16.60 -26.22
C ASP C 20 -22.37 -17.37 -25.05
N THR C 21 -21.51 -17.88 -24.16
CA THR C 21 -21.91 -18.71 -23.04
C THR C 21 -22.69 -17.88 -22.02
N SER C 22 -23.85 -18.39 -21.61
CA SER C 22 -24.72 -17.72 -20.65
C SER C 22 -24.32 -18.12 -19.23
N ILE C 23 -24.84 -17.36 -18.26
CA ILE C 23 -24.56 -17.59 -16.84
C ILE C 23 -25.19 -18.91 -16.38
N PHE C 24 -26.41 -19.20 -16.85
CA PHE C 24 -27.10 -20.41 -16.44
C PHE C 24 -26.35 -21.65 -16.94
N GLN C 25 -25.75 -21.54 -18.14
CA GLN C 25 -24.94 -22.60 -18.70
C GLN C 25 -23.80 -22.94 -17.74
N LEU C 26 -23.16 -21.89 -17.19
CA LEU C 26 -22.06 -22.02 -16.25
C LEU C 26 -22.58 -22.58 -14.91
N LYS C 27 -23.79 -22.15 -14.53
CA LYS C 27 -24.44 -22.62 -13.31
C LYS C 27 -24.71 -24.12 -13.42
N GLU C 28 -25.11 -24.55 -14.63
CA GLU C 28 -25.41 -25.94 -14.90
C GLU C 28 -24.15 -26.79 -14.78
N VAL C 29 -23.08 -26.35 -15.45
CA VAL C 29 -21.85 -27.13 -15.54
C VAL C 29 -21.22 -27.28 -14.16
N VAL C 30 -21.37 -26.25 -13.32
CA VAL C 30 -20.87 -26.26 -11.96
C VAL C 30 -21.77 -27.16 -11.10
N ALA C 31 -23.08 -27.06 -11.31
CA ALA C 31 -24.07 -27.85 -10.60
C ALA C 31 -23.79 -29.35 -10.80
N LYS C 32 -23.32 -29.70 -12.01
CA LYS C 32 -23.03 -31.07 -12.37
C LYS C 32 -21.79 -31.57 -11.62
N ARG C 33 -20.78 -30.70 -11.52
CA ARG C 33 -19.53 -31.03 -10.84
C ARG C 33 -19.79 -31.21 -9.35
N GLN C 34 -20.71 -30.41 -8.80
CA GLN C 34 -21.00 -30.42 -7.38
C GLN C 34 -22.24 -31.27 -7.09
N GLY C 35 -22.94 -31.69 -8.15
CA GLY C 35 -24.12 -32.54 -8.05
C GLY C 35 -25.22 -31.90 -7.20
N VAL C 36 -25.49 -30.62 -7.46
CA VAL C 36 -26.49 -29.84 -6.74
C VAL C 36 -27.43 -29.20 -7.77
N PRO C 37 -28.58 -28.62 -7.37
CA PRO C 37 -29.44 -27.91 -8.31
C PRO C 37 -28.83 -26.57 -8.73
N ALA C 38 -28.97 -26.25 -10.03
CA ALA C 38 -28.45 -25.01 -10.58
C ALA C 38 -29.31 -23.82 -10.14
N ASP C 39 -30.47 -24.12 -9.54
CA ASP C 39 -31.43 -23.10 -9.16
CA ASP C 39 -31.43 -23.10 -9.16
C ASP C 39 -31.04 -22.51 -7.79
N GLN C 40 -30.21 -23.24 -7.05
CA GLN C 40 -29.79 -22.79 -5.72
C GLN C 40 -28.50 -21.98 -5.82
N LEU C 41 -27.98 -21.81 -7.04
CA LEU C 41 -26.68 -21.19 -7.26
C LEU C 41 -26.83 -19.72 -7.64
N ARG C 42 -25.94 -18.88 -7.08
CA ARG C 42 -25.86 -17.46 -7.39
C ARG C 42 -24.41 -17.14 -7.76
N VAL C 43 -24.23 -16.37 -8.84
CA VAL C 43 -22.90 -16.03 -9.35
C VAL C 43 -22.58 -14.58 -9.00
N ILE C 44 -21.47 -14.36 -8.28
CA ILE C 44 -21.06 -13.05 -7.82
C ILE C 44 -19.73 -12.66 -8.47
N PHE C 45 -19.72 -11.48 -9.10
CA PHE C 45 -18.52 -10.93 -9.71
C PHE C 45 -18.53 -9.41 -9.59
N ALA C 46 -17.42 -8.84 -9.09
CA ALA C 46 -17.19 -7.42 -8.97
C ALA C 46 -18.34 -6.74 -8.22
N GLY C 47 -18.75 -7.36 -7.11
CA GLY C 47 -19.76 -6.81 -6.21
C GLY C 47 -21.14 -6.73 -6.84
N LYS C 48 -21.41 -7.64 -7.78
CA LYS C 48 -22.69 -7.72 -8.47
C LYS C 48 -23.09 -9.18 -8.63
N GLU C 49 -24.39 -9.45 -8.57
CA GLU C 49 -24.91 -10.77 -8.88
C GLU C 49 -25.20 -10.82 -10.38
N LEU C 50 -24.63 -11.84 -11.05
CA LEU C 50 -24.81 -12.01 -12.49
C LEU C 50 -26.06 -12.84 -12.76
N ARG C 51 -26.96 -12.28 -13.59
CA ARG C 51 -28.26 -12.88 -13.90
C ARG C 51 -28.09 -13.92 -15.00
N ASN C 52 -29.02 -14.89 -15.04
CA ASN C 52 -28.91 -16.09 -15.86
C ASN C 52 -28.82 -15.75 -17.34
N ASP C 53 -29.51 -14.68 -17.77
CA ASP C 53 -29.65 -14.35 -19.17
C ASP C 53 -28.37 -13.69 -19.70
N TRP C 54 -27.57 -13.13 -18.79
CA TRP C 54 -26.34 -12.43 -19.18
C TRP C 54 -25.31 -13.43 -19.71
N THR C 55 -24.54 -13.00 -20.71
CA THR C 55 -23.47 -13.81 -21.26
C THR C 55 -22.14 -13.39 -20.63
N VAL C 56 -21.07 -14.08 -21.01
CA VAL C 56 -19.73 -13.83 -20.50
C VAL C 56 -19.23 -12.50 -21.05
N GLN C 57 -19.55 -12.22 -22.32
CA GLN C 57 -19.19 -10.97 -22.97
C GLN C 57 -19.88 -9.81 -22.28
N ASN C 58 -21.18 -9.98 -21.99
CA ASN C 58 -22.02 -8.95 -21.41
C ASN C 58 -21.52 -8.58 -20.02
N CYS C 59 -20.87 -9.55 -19.34
CA CYS C 59 -20.45 -9.38 -17.96
C CYS C 59 -19.05 -8.77 -17.89
N ASP C 60 -18.39 -8.68 -19.06
CA ASP C 60 -17.05 -8.13 -19.21
C ASP C 60 -16.07 -8.92 -18.34
N LEU C 61 -16.25 -10.24 -18.30
CA LEU C 61 -15.33 -11.14 -17.61
C LEU C 61 -14.06 -11.28 -18.45
N ASP C 62 -12.93 -10.96 -17.83
CA ASP C 62 -11.64 -11.05 -18.51
C ASP C 62 -11.11 -12.47 -18.41
N GLN C 63 -10.20 -12.82 -19.32
CA GLN C 63 -9.56 -14.13 -19.33
C GLN C 63 -9.01 -14.44 -17.93
N GLN C 64 -9.47 -15.57 -17.39
CA GLN C 64 -8.96 -16.15 -16.15
C GLN C 64 -9.19 -15.21 -14.97
N SEP C 65 -10.34 -14.52 -14.96
CA SEP C 65 -10.81 -13.86 -13.76
CB SEP C 65 -11.56 -12.58 -14.11
OG SEP C 65 -11.79 -11.84 -12.89
C SEP C 65 -11.65 -14.84 -12.94
O SEP C 65 -11.82 -15.99 -13.35
P SEP C 65 -10.72 -10.70 -12.44
O1P SEP C 65 -11.30 -10.08 -11.18
O2P SEP C 65 -9.42 -11.44 -12.16
O3P SEP C 65 -10.62 -9.72 -13.58
N ILE C 66 -12.16 -14.40 -11.79
CA ILE C 66 -12.78 -15.30 -10.82
C ILE C 66 -14.21 -14.83 -10.54
N VAL C 67 -15.14 -15.78 -10.43
CA VAL C 67 -16.50 -15.46 -9.97
C VAL C 67 -16.67 -16.17 -8.63
N HIS C 68 -17.67 -15.77 -7.83
CA HIS C 68 -17.94 -16.48 -6.58
C HIS C 68 -19.32 -17.11 -6.63
N ILE C 69 -19.43 -18.29 -7.25
CA ILE C 69 -20.70 -19.02 -7.34
C ILE C 69 -21.05 -19.58 -5.95
ZN ZN D . 1.22 -6.89 -13.24
ZN ZN E . -18.63 -12.03 4.61
ZN ZN F . 0.16 22.72 -9.59
ZN ZN G . 29.75 17.83 23.04
ZN ZN H . 6.90 15.31 -19.38
ZN ZN I . 25.08 3.55 16.88
C1 GOL J . -0.73 6.75 3.60
O1 GOL J . -1.46 7.01 2.42
C2 GOL J . 0.76 6.96 3.41
O2 GOL J . 1.47 6.51 4.56
C3 GOL J . 1.31 6.30 2.16
O3 GOL J . 1.59 4.92 2.39
C1 PEG K . -6.97 15.65 -15.49
O1 PEG K . -7.09 16.87 -16.19
C2 PEG K . -7.78 14.55 -16.13
O2 PEG K . -7.03 13.93 -17.17
C3 PEG K . -7.71 13.95 -18.42
C4 PEG K . -7.03 13.04 -19.38
O4 PEG K . -6.48 13.73 -20.50
#